data_7HAY
#
_entry.id   7HAY
#
_cell.length_a   68.817
_cell.length_b   90.264
_cell.length_c   99.383
_cell.angle_alpha   90.000
_cell.angle_beta   90.000
_cell.angle_gamma   90.000
#
_symmetry.space_group_name_H-M   'I 2 2 2'
#
loop_
_entity.id
_entity.type
_entity.pdbx_description
1 polymer 'Heat shock protein HSP 90-alpha'
2 non-polymer N-(2-{[(4-chlorophenyl)methyl]sulfanyl}ethyl)furan-2-carboxamide
3 water water
#
_entity_poly.entity_id   1
_entity_poly.type   'polypeptide(L)'
_entity_poly.pdbx_seq_one_letter_code
;MDQPMEEEEVETFAFQAEIAQLMSLIINTFYSNKEIFLRELISNSSDALDKIRYESLTDPSKLDSGKELHINLIPNKQDR
TLTIVDTGIGMTKADLINNLGTIAKSGTKAFMEALQAGADISMIGQFGVGFYSAYLVAEKVTVITKHNDDEQYAWESSAG
GSFTVRTDTGEPMGRGTKVILHLKEDQTEYLEERRIKEIVKKHSQFIGYPITLFVEKERDKEVSDDEAELEHHHHHH
;
_entity_poly.pdbx_strand_id   A
#
loop_
_chem_comp.id
_chem_comp.type
_chem_comp.name
_chem_comp.formula
A1AYH non-polymer N-(2-{[(4-chlorophenyl)methyl]sulfanyl}ethyl)furan-2-carboxamide 'C14 H14 Cl N O2 S'
#
# COMPACT_ATOMS: atom_id res chain seq x y z
N GLU A 9 4.44 22.88 -3.84
CA GLU A 9 5.81 22.45 -4.12
C GLU A 9 5.89 20.93 -4.20
N VAL A 10 6.47 20.44 -5.30
CA VAL A 10 6.55 19.00 -5.59
C VAL A 10 8.01 18.63 -5.78
N GLU A 11 8.46 17.62 -5.04
CA GLU A 11 9.82 17.10 -5.17
C GLU A 11 9.78 15.78 -5.92
N THR A 12 10.69 15.63 -6.89
CA THR A 12 10.77 14.44 -7.72
C THR A 12 12.03 13.66 -7.39
N PHE A 13 11.87 12.38 -7.08
CA PHE A 13 12.98 11.51 -6.71
C PHE A 13 13.05 10.33 -7.67
N ALA A 14 14.24 9.75 -7.76
CA ALA A 14 14.47 8.57 -8.59
C ALA A 14 14.47 7.32 -7.72
N PHE A 15 13.88 6.25 -8.26
CA PHE A 15 13.96 4.95 -7.59
C PHE A 15 15.38 4.41 -7.68
N GLN A 16 15.80 3.68 -6.65
CA GLN A 16 17.00 2.88 -6.78
C GLN A 16 16.82 1.89 -7.93
N ALA A 17 17.92 1.59 -8.62
CA ALA A 17 17.84 0.77 -9.82
C ALA A 17 17.19 -0.58 -9.53
N GLU A 18 17.45 -1.14 -8.35
CA GLU A 18 16.86 -2.43 -8.00
C GLU A 18 15.34 -2.35 -7.89
N ILE A 19 14.83 -1.33 -7.18
CA ILE A 19 13.38 -1.18 -7.04
C ILE A 19 12.74 -0.87 -8.39
N ALA A 20 13.40 -0.03 -9.20
CA ALA A 20 12.83 0.37 -10.48
C ALA A 20 12.63 -0.83 -11.40
N GLN A 21 13.62 -1.71 -11.48
CA GLN A 21 13.52 -2.85 -12.38
C GLN A 21 12.65 -3.97 -11.82
N LEU A 22 12.40 -3.99 -10.50
CA LEU A 22 11.38 -4.88 -9.99
C LEU A 22 9.99 -4.38 -10.34
N MET A 23 9.78 -3.07 -10.28
CA MET A 23 8.48 -2.51 -10.62
C MET A 23 8.13 -2.80 -12.07
N SER A 24 9.11 -2.63 -12.98
CA SER A 24 8.88 -2.95 -14.38
C SER A 24 8.63 -4.44 -14.57
N LEU A 25 9.25 -5.28 -13.74
CA LEU A 25 8.99 -6.71 -13.82
C LEU A 25 7.55 -7.04 -13.42
N ILE A 26 7.04 -6.36 -12.39
CA ILE A 26 5.65 -6.58 -11.99
C ILE A 26 4.68 -6.03 -13.02
N ILE A 27 5.07 -4.97 -13.72
CA ILE A 27 4.19 -4.36 -14.71
C ILE A 27 4.15 -5.15 -16.00
N ASN A 28 5.30 -5.72 -16.42
CA ASN A 28 5.42 -6.29 -17.76
C ASN A 28 5.27 -7.81 -17.80
N THR A 29 5.40 -8.51 -16.67
CA THR A 29 5.36 -9.97 -16.68
C THR A 29 3.92 -10.46 -16.76
N PHE A 30 3.71 -11.50 -17.57
CA PHE A 30 2.40 -12.13 -17.71
C PHE A 30 2.15 -13.00 -16.48
N TYR A 31 1.28 -12.53 -15.60
CA TYR A 31 0.97 -13.25 -14.37
C TYR A 31 -0.51 -13.04 -14.06
N SER A 32 -1.29 -14.12 -14.10
CA SER A 32 -2.74 -14.00 -14.05
C SER A 32 -3.27 -13.82 -12.63
N ASN A 33 -2.58 -14.34 -11.62
CA ASN A 33 -3.05 -14.31 -10.25
C ASN A 33 -2.78 -12.95 -9.61
N LYS A 34 -3.45 -11.93 -10.14
CA LYS A 34 -3.22 -10.56 -9.71
C LYS A 34 -3.90 -10.22 -8.40
N GLU A 35 -4.88 -11.02 -7.97
CA GLU A 35 -5.69 -10.68 -6.79
C GLU A 35 -4.86 -10.58 -5.52
N ILE A 36 -3.66 -11.16 -5.50
CA ILE A 36 -2.85 -11.16 -4.28
C ILE A 36 -2.39 -9.77 -3.90
N PHE A 37 -2.55 -8.79 -4.80
CA PHE A 37 -2.22 -7.41 -4.46
C PHE A 37 -3.00 -6.95 -3.23
N LEU A 38 -4.27 -7.36 -3.12
CA LEU A 38 -5.10 -6.93 -2.01
C LEU A 38 -4.62 -7.54 -0.70
N ARG A 39 -4.18 -8.80 -0.74
CA ARG A 39 -3.64 -9.44 0.46
C ARG A 39 -2.41 -8.72 0.96
N GLU A 40 -1.51 -8.32 0.06
CA GLU A 40 -0.27 -7.68 0.48
C GLU A 40 -0.53 -6.31 1.09
N LEU A 41 -1.47 -5.55 0.53
CA LEU A 41 -1.75 -4.22 1.04
C LEU A 41 -2.49 -4.29 2.38
N ILE A 42 -3.49 -5.18 2.46
CA ILE A 42 -4.19 -5.38 3.73
C ILE A 42 -3.21 -5.85 4.80
N SER A 43 -2.29 -6.74 4.43
CA SER A 43 -1.26 -7.17 5.37
C SER A 43 -0.36 -6.02 5.79
N ASN A 44 -0.06 -5.12 4.84
CA ASN A 44 0.72 -3.94 5.18
C ASN A 44 -0.05 -3.04 6.14
N SER A 45 -1.36 -2.88 5.93
CA SER A 45 -2.18 -2.11 6.85
C SER A 45 -2.22 -2.77 8.23
N SER A 46 -2.35 -4.10 8.26
CA SER A 46 -2.39 -4.80 9.54
C SER A 46 -1.10 -4.61 10.33
N ASP A 47 0.03 -4.55 9.64
CA ASP A 47 1.30 -4.33 10.33
C ASP A 47 1.39 -2.93 10.91
N ALA A 48 0.95 -1.92 10.15
CA ALA A 48 0.98 -0.55 10.64
C ALA A 48 0.06 -0.37 11.84
N LEU A 49 -1.06 -1.10 11.87
CA LEU A 49 -1.97 -1.00 13.01
C LEU A 49 -1.38 -1.66 14.25
N ASP A 50 -0.69 -2.80 14.06
CA ASP A 50 0.00 -3.43 15.18
C ASP A 50 1.02 -2.49 15.79
N LYS A 51 1.70 -1.70 14.95
CA LYS A 51 2.75 -0.82 15.45
C LYS A 51 2.19 0.24 16.38
N ILE A 52 1.10 0.90 15.98
CA ILE A 52 0.55 2.00 16.78
C ILE A 52 -0.13 1.46 18.03
N ARG A 53 -0.75 0.27 17.94
CA ARG A 53 -1.36 -0.32 19.13
C ARG A 53 -0.32 -0.68 20.17
N TYR A 54 0.80 -1.26 19.74
CA TYR A 54 1.86 -1.63 20.66
C TYR A 54 2.48 -0.40 21.32
N GLU A 55 2.75 0.64 20.52
CA GLU A 55 3.34 1.85 21.08
C GLU A 55 2.40 2.54 22.06
N SER A 56 1.09 2.43 21.84
CA SER A 56 0.12 3.03 22.74
C SER A 56 0.03 2.31 24.08
N LEU A 57 0.63 1.13 24.21
CA LEU A 57 0.62 0.44 25.50
C LEU A 57 1.48 1.18 26.52
N THR A 58 2.60 1.73 26.08
CA THR A 58 3.50 2.49 26.95
C THR A 58 3.30 4.00 26.84
N ASP A 59 2.46 4.45 25.92
CA ASP A 59 2.21 5.87 25.72
C ASP A 59 0.81 6.06 25.13
N PRO A 60 -0.21 6.14 25.98
CA PRO A 60 -1.59 6.22 25.47
C PRO A 60 -1.88 7.49 24.68
N SER A 61 -1.08 8.55 24.84
CA SER A 61 -1.34 9.78 24.11
C SER A 61 -1.12 9.64 22.61
N LYS A 62 -0.47 8.55 22.18
CA LYS A 62 -0.28 8.31 20.75
C LYS A 62 -1.57 7.97 20.03
N LEU A 63 -2.67 7.80 20.76
CA LEU A 63 -3.99 7.59 20.17
C LEU A 63 -4.85 8.85 20.21
N ASP A 64 -4.28 9.99 20.61
CA ASP A 64 -5.02 11.25 20.56
C ASP A 64 -5.46 11.58 19.14
N SER A 65 -4.69 11.13 18.14
CA SER A 65 -5.02 11.34 16.75
C SER A 65 -6.05 10.34 16.21
N GLY A 66 -6.66 9.55 17.08
CA GLY A 66 -7.63 8.56 16.66
C GLY A 66 -7.47 7.25 17.40
N LYS A 67 -8.52 6.81 18.09
CA LYS A 67 -8.46 5.59 18.88
C LYS A 67 -8.90 4.35 18.10
N GLU A 68 -9.62 4.52 17.00
CA GLU A 68 -10.11 3.39 16.23
C GLU A 68 -8.99 2.80 15.38
N LEU A 69 -8.86 1.48 15.39
CA LEU A 69 -7.90 0.75 14.58
C LEU A 69 -8.68 -0.14 13.62
N HIS A 70 -8.72 0.24 12.35
CA HIS A 70 -9.55 -0.47 11.38
C HIS A 70 -8.97 -0.31 9.99
N ILE A 71 -9.56 -1.03 9.04
CA ILE A 71 -9.18 -0.98 7.63
C ILE A 71 -10.45 -0.77 6.81
N ASN A 72 -10.41 0.19 5.88
CA ASN A 72 -11.52 0.47 5.00
C ASN A 72 -11.11 0.19 3.55
N LEU A 73 -12.02 -0.42 2.79
CA LEU A 73 -11.84 -0.65 1.36
C LEU A 73 -12.89 0.15 0.61
N ILE A 74 -12.43 1.04 -0.27
CA ILE A 74 -13.33 2.00 -0.92
C ILE A 74 -13.20 1.87 -2.44
N PRO A 75 -14.08 1.14 -3.11
CA PRO A 75 -14.09 1.15 -4.58
C PRO A 75 -14.84 2.34 -5.11
N ASN A 76 -14.33 2.89 -6.22
CA ASN A 76 -14.93 4.05 -6.88
C ASN A 76 -14.94 3.79 -8.38
N LYS A 77 -16.09 3.35 -8.89
CA LYS A 77 -16.20 3.02 -10.30
C LYS A 77 -16.08 4.26 -11.19
N GLN A 78 -16.57 5.41 -10.72
CA GLN A 78 -16.51 6.61 -11.52
C GLN A 78 -15.07 7.06 -11.75
N ASP A 79 -14.24 7.04 -10.70
CA ASP A 79 -12.85 7.42 -10.81
C ASP A 79 -11.94 6.26 -11.20
N ARG A 80 -12.45 5.03 -11.19
CA ARG A 80 -11.66 3.83 -11.45
C ARG A 80 -10.50 3.74 -10.47
N THR A 81 -10.82 3.88 -9.18
CA THR A 81 -9.83 3.82 -8.11
C THR A 81 -10.33 2.89 -7.00
N LEU A 82 -9.38 2.20 -6.38
CA LEU A 82 -9.63 1.39 -5.19
C LEU A 82 -8.73 1.91 -4.08
N THR A 83 -9.33 2.32 -2.97
CA THR A 83 -8.61 2.95 -1.88
C THR A 83 -8.60 2.03 -0.66
N ILE A 84 -7.42 1.83 -0.09
CA ILE A 84 -7.25 1.06 1.14
C ILE A 84 -6.81 2.04 2.23
N VAL A 85 -7.65 2.24 3.23
CA VAL A 85 -7.38 3.16 4.33
C VAL A 85 -7.19 2.36 5.60
N ASP A 86 -6.16 2.70 6.36
CA ASP A 86 -5.95 2.16 7.70
C ASP A 86 -5.63 3.31 8.64
N THR A 87 -5.89 3.09 9.92
CA THR A 87 -5.55 4.04 10.97
C THR A 87 -4.29 3.62 11.72
N GLY A 88 -3.30 3.12 10.98
CA GLY A 88 -2.06 2.66 11.57
C GLY A 88 -1.16 3.80 11.99
N ILE A 89 0.11 3.45 12.23
CA ILE A 89 1.07 4.43 12.72
C ILE A 89 1.39 5.49 11.67
N GLY A 90 1.10 5.24 10.40
CA GLY A 90 1.41 6.20 9.36
C GLY A 90 2.90 6.23 9.05
N MET A 91 3.26 7.16 8.17
CA MET A 91 4.62 7.28 7.68
C MET A 91 5.07 8.73 7.73
N THR A 92 6.31 8.95 8.14
CA THR A 92 6.92 10.27 8.09
C THR A 92 7.48 10.53 6.70
N LYS A 93 7.96 11.76 6.49
CA LYS A 93 8.57 12.11 5.21
C LYS A 93 9.85 11.31 4.97
N ALA A 94 10.65 11.11 6.02
CA ALA A 94 11.84 10.29 5.89
C ALA A 94 11.50 8.84 5.60
N ASP A 95 10.37 8.35 6.13
CA ASP A 95 9.89 7.02 5.78
C ASP A 95 9.64 6.92 4.28
N LEU A 96 8.97 7.91 3.71
CA LEU A 96 8.56 7.84 2.31
C LEU A 96 9.75 7.88 1.37
N ILE A 97 10.81 8.58 1.74
CA ILE A 97 11.93 8.87 0.83
C ILE A 97 13.15 8.01 1.16
N ASN A 98 13.53 7.93 2.43
CA ASN A 98 14.78 7.29 2.82
C ASN A 98 14.57 5.89 3.41
N ASN A 99 13.85 5.80 4.52
CA ASN A 99 13.87 4.58 5.34
C ASN A 99 13.33 3.38 4.58
N LEU A 100 12.13 3.50 4.01
CA LEU A 100 11.51 2.33 3.37
C LEU A 100 12.24 1.95 2.09
N GLY A 101 12.81 2.91 1.38
CA GLY A 101 13.57 2.58 0.18
C GLY A 101 14.80 1.76 0.48
N THR A 102 15.46 2.04 1.61
CA THR A 102 16.62 1.25 2.01
C THR A 102 16.22 -0.18 2.32
N ILE A 103 15.09 -0.38 3.00
CA ILE A 103 14.59 -1.73 3.26
C ILE A 103 14.21 -2.40 1.95
N ALA A 104 13.54 -1.67 1.05
CA ALA A 104 13.09 -2.25 -0.20
C ALA A 104 14.23 -2.60 -1.14
N LYS A 105 15.40 -1.97 -0.96
CA LYS A 105 16.54 -2.29 -1.83
C LYS A 105 16.98 -3.74 -1.64
N SER A 106 17.25 -4.13 -0.39
CA SER A 106 17.70 -5.49 -0.14
C SER A 106 16.57 -6.50 -0.30
N GLY A 107 15.34 -6.10 0.00
CA GLY A 107 14.21 -7.00 -0.19
C GLY A 107 13.93 -7.27 -1.66
N THR A 108 14.09 -6.24 -2.50
CA THR A 108 13.91 -6.41 -3.94
C THR A 108 14.99 -7.33 -4.51
N LYS A 109 16.25 -7.11 -4.09
CA LYS A 109 17.35 -7.94 -4.56
C LYS A 109 17.11 -9.41 -4.27
N ALA A 110 16.67 -9.71 -3.05
CA ALA A 110 16.43 -11.11 -2.67
C ALA A 110 15.23 -11.68 -3.41
N PHE A 111 14.21 -10.85 -3.67
CA PHE A 111 13.01 -11.34 -4.34
C PHE A 111 13.30 -11.77 -5.77
N MET A 112 14.07 -10.96 -6.51
CA MET A 112 14.36 -11.30 -7.90
C MET A 112 15.32 -12.47 -8.01
N GLU A 113 16.18 -12.66 -7.01
CA GLU A 113 17.02 -13.85 -6.97
C GLU A 113 16.17 -15.11 -6.88
N ALA A 114 15.16 -15.09 -6.00
CA ALA A 114 14.29 -16.24 -5.83
C ALA A 114 13.42 -16.47 -7.08
N LEU A 115 13.00 -15.39 -7.73
CA LEU A 115 12.15 -15.51 -8.92
C LEU A 115 12.82 -16.30 -10.03
N GLN A 116 14.16 -16.31 -10.07
CA GLN A 116 14.89 -17.13 -11.04
C GLN A 116 15.13 -18.55 -10.54
N ALA A 117 15.00 -18.79 -9.23
CA ALA A 117 15.14 -20.12 -8.66
C ALA A 117 13.82 -20.90 -8.63
N GLY A 118 12.81 -20.43 -9.37
CA GLY A 118 11.53 -21.11 -9.45
C GLY A 118 10.40 -20.42 -8.71
N ALA A 119 10.71 -19.44 -7.86
CA ALA A 119 9.66 -18.74 -7.13
C ALA A 119 8.77 -17.96 -8.09
N ASP A 120 7.57 -17.62 -7.62
CA ASP A 120 6.63 -16.81 -8.37
C ASP A 120 6.28 -15.55 -7.59
N ILE A 121 5.53 -14.66 -8.26
CA ILE A 121 5.29 -13.32 -7.73
C ILE A 121 4.51 -13.36 -6.42
N SER A 122 3.67 -14.38 -6.23
CA SER A 122 2.79 -14.43 -5.07
C SER A 122 3.56 -14.45 -3.74
N MET A 123 4.83 -14.86 -3.75
CA MET A 123 5.64 -14.90 -2.55
C MET A 123 6.35 -13.58 -2.26
N ILE A 124 5.92 -12.48 -2.89
CA ILE A 124 6.60 -11.20 -2.75
C ILE A 124 6.58 -10.70 -1.30
N GLY A 125 5.54 -11.06 -0.54
CA GLY A 125 5.43 -10.57 0.82
C GLY A 125 6.49 -11.12 1.76
N GLN A 126 7.03 -12.31 1.45
CA GLN A 126 8.09 -12.89 2.27
C GLN A 126 9.38 -12.08 2.21
N PHE A 127 9.48 -11.11 1.31
CA PHE A 127 10.67 -10.29 1.17
C PHE A 127 10.42 -8.83 1.56
N GLY A 128 9.26 -8.53 2.11
CA GLY A 128 8.97 -7.22 2.65
C GLY A 128 8.65 -6.15 1.63
N VAL A 129 8.51 -6.50 0.35
CA VAL A 129 8.26 -5.51 -0.69
C VAL A 129 6.91 -5.78 -1.33
N GLY A 130 5.93 -6.21 -0.53
CA GLY A 130 4.63 -6.56 -1.07
C GLY A 130 3.85 -5.38 -1.63
N PHE A 131 4.20 -4.16 -1.20
CA PHE A 131 3.49 -2.98 -1.65
C PHE A 131 3.54 -2.83 -3.17
N TYR A 132 4.68 -3.15 -3.78
CA TYR A 132 4.85 -2.96 -5.21
C TYR A 132 3.98 -3.90 -6.04
N SER A 133 3.38 -4.92 -5.41
CA SER A 133 2.39 -5.73 -6.11
C SER A 133 1.16 -4.93 -6.50
N ALA A 134 1.01 -3.71 -5.97
CA ALA A 134 -0.10 -2.84 -6.39
C ALA A 134 -0.06 -2.59 -7.88
N TYR A 135 1.14 -2.57 -8.47
CA TYR A 135 1.32 -2.33 -9.89
C TYR A 135 0.99 -3.53 -10.76
N LEU A 136 0.47 -4.61 -10.15
CA LEU A 136 -0.18 -5.65 -10.94
C LEU A 136 -1.49 -5.17 -11.52
N VAL A 137 -2.20 -4.32 -10.78
CA VAL A 137 -3.54 -3.87 -11.18
C VAL A 137 -3.63 -2.37 -11.38
N ALA A 138 -2.64 -1.59 -10.94
CA ALA A 138 -2.70 -0.14 -11.00
C ALA A 138 -1.63 0.42 -11.94
N GLU A 139 -2.01 1.42 -12.71
CA GLU A 139 -1.06 2.18 -13.52
C GLU A 139 -0.44 3.34 -12.77
N LYS A 140 -1.06 3.76 -11.67
CA LYS A 140 -0.54 4.83 -10.83
C LYS A 140 -1.01 4.59 -9.41
N VAL A 141 -0.12 4.80 -8.44
CA VAL A 141 -0.42 4.60 -7.03
C VAL A 141 -0.14 5.91 -6.29
N THR A 142 -1.12 6.38 -5.53
CA THR A 142 -0.95 7.52 -4.64
C THR A 142 -1.06 7.05 -3.19
N VAL A 143 -0.16 7.56 -2.35
CA VAL A 143 -0.13 7.23 -0.94
C VAL A 143 -0.25 8.51 -0.13
N ILE A 144 -1.36 8.65 0.59
CA ILE A 144 -1.54 9.72 1.56
C ILE A 144 -1.31 9.12 2.95
N THR A 145 -0.46 9.76 3.74
CA THR A 145 -0.08 9.22 5.03
C THR A 145 0.14 10.34 6.03
N LYS A 146 -0.17 10.06 7.30
CA LYS A 146 -0.04 11.04 8.37
C LYS A 146 0.52 10.33 9.59
N HIS A 147 1.69 10.77 10.05
CA HIS A 147 2.35 10.20 11.21
C HIS A 147 2.29 11.20 12.36
N ASN A 148 2.20 10.69 13.59
CA ASN A 148 2.03 11.55 14.76
C ASN A 148 3.11 12.61 14.86
N ASP A 149 4.29 12.35 14.30
CA ASP A 149 5.45 13.23 14.45
C ASP A 149 5.70 14.09 13.23
N ASP A 150 4.84 14.07 12.22
CA ASP A 150 5.13 14.76 10.98
C ASP A 150 3.83 15.25 10.34
N GLU A 151 3.97 16.04 9.28
CA GLU A 151 2.84 16.57 8.55
C GLU A 151 2.26 15.50 7.61
N GLN A 152 1.10 15.81 7.05
CA GLN A 152 0.46 14.92 6.08
C GLN A 152 1.13 15.08 4.72
N TYR A 153 1.52 13.97 4.12
CA TYR A 153 2.26 13.99 2.86
C TYR A 153 1.59 13.10 1.83
N ALA A 154 1.85 13.39 0.56
CA ALA A 154 1.30 12.66 -0.57
C ALA A 154 2.44 12.13 -1.42
N TRP A 155 2.59 10.80 -1.43
CA TRP A 155 3.53 10.10 -2.28
C TRP A 155 2.80 9.58 -3.52
N GLU A 156 3.50 9.53 -4.64
CA GLU A 156 2.86 9.16 -5.90
C GLU A 156 3.89 8.66 -6.89
N SER A 157 3.53 7.62 -7.65
CA SER A 157 4.39 7.09 -8.69
C SER A 157 3.56 6.32 -9.70
N SER A 158 3.83 6.57 -10.99
CA SER A 158 3.32 5.77 -12.09
C SER A 158 4.38 4.83 -12.64
N ALA A 159 5.31 4.42 -11.80
CA ALA A 159 6.51 3.67 -12.20
C ALA A 159 7.31 4.55 -13.16
N GLY A 160 8.07 3.95 -14.07
CA GLY A 160 8.88 4.71 -14.99
C GLY A 160 10.20 5.21 -14.43
N GLY A 161 10.50 4.92 -13.16
CA GLY A 161 11.77 5.25 -12.57
C GLY A 161 11.76 6.35 -11.53
N SER A 162 10.63 7.01 -11.32
CA SER A 162 10.59 8.17 -10.42
C SER A 162 9.29 8.19 -9.64
N PHE A 163 9.31 8.94 -8.54
CA PHE A 163 8.13 9.21 -7.73
C PHE A 163 8.20 10.64 -7.21
N THR A 164 7.04 11.16 -6.79
CA THR A 164 6.95 12.51 -6.28
C THR A 164 6.42 12.50 -4.85
N VAL A 165 6.86 13.48 -4.08
CA VAL A 165 6.40 13.69 -2.70
C VAL A 165 6.05 15.16 -2.54
N ARG A 166 4.87 15.43 -1.97
CA ARG A 166 4.46 16.80 -1.72
C ARG A 166 3.63 16.84 -0.44
N THR A 167 3.61 18.01 0.18
CA THR A 167 2.73 18.24 1.32
C THR A 167 1.28 18.19 0.85
N ASP A 168 0.46 17.39 1.53
CA ASP A 168 -0.91 17.16 1.12
C ASP A 168 -1.81 18.27 1.64
N THR A 169 -2.58 18.89 0.75
CA THR A 169 -3.53 19.93 1.09
C THR A 169 -4.96 19.43 1.13
N GLY A 170 -5.18 18.13 0.96
CA GLY A 170 -6.51 17.56 0.94
C GLY A 170 -7.08 17.39 2.34
N GLU A 171 -8.00 16.42 2.46
CA GLU A 171 -8.66 16.17 3.72
C GLU A 171 -7.66 15.69 4.77
N PRO A 172 -7.59 16.33 5.93
CA PRO A 172 -6.76 15.79 7.02
C PRO A 172 -7.24 14.40 7.40
N MET A 173 -6.29 13.56 7.83
CA MET A 173 -6.55 12.16 8.07
C MET A 173 -6.47 11.76 9.54
N GLY A 174 -5.96 12.63 10.41
CA GLY A 174 -5.77 12.27 11.80
C GLY A 174 -4.52 11.45 12.02
N ARG A 175 -4.51 10.23 11.48
CA ARG A 175 -3.36 9.33 11.55
C ARG A 175 -3.65 8.12 10.67
N GLY A 176 -2.62 7.65 9.96
CA GLY A 176 -2.74 6.43 9.20
C GLY A 176 -2.21 6.60 7.79
N THR A 177 -2.59 5.66 6.93
CA THR A 177 -2.12 5.60 5.55
C THR A 177 -3.27 5.30 4.62
N LYS A 178 -3.31 6.00 3.49
CA LYS A 178 -4.32 5.80 2.46
C LYS A 178 -3.63 5.47 1.15
N VAL A 179 -3.92 4.30 0.59
CA VAL A 179 -3.32 3.85 -0.67
C VAL A 179 -4.41 3.89 -1.73
N ILE A 180 -4.23 4.76 -2.73
CA ILE A 180 -5.19 4.93 -3.80
C ILE A 180 -4.62 4.28 -5.05
N LEU A 181 -5.33 3.26 -5.56
CA LEU A 181 -4.89 2.51 -6.72
C LEU A 181 -5.69 2.97 -7.93
N HIS A 182 -5.02 3.67 -8.85
CA HIS A 182 -5.62 4.04 -10.13
C HIS A 182 -5.51 2.84 -11.05
N LEU A 183 -6.59 2.08 -11.17
CA LEU A 183 -6.55 0.77 -11.79
C LEU A 183 -6.33 0.87 -13.30
N LYS A 184 -5.72 -0.18 -13.84
CA LYS A 184 -5.63 -0.33 -15.29
C LYS A 184 -7.02 -0.56 -15.87
N GLU A 185 -7.15 -0.27 -17.17
CA GLU A 185 -8.46 -0.36 -17.83
C GLU A 185 -9.03 -1.77 -17.75
N ASP A 186 -8.19 -2.78 -17.88
CA ASP A 186 -8.63 -4.17 -17.91
C ASP A 186 -8.71 -4.80 -16.52
N GLN A 187 -8.60 -4.01 -15.46
CA GLN A 187 -8.63 -4.54 -14.09
C GLN A 187 -9.78 -3.93 -13.28
N THR A 188 -10.89 -3.62 -13.93
CA THR A 188 -12.02 -3.03 -13.23
C THR A 188 -12.78 -4.03 -12.37
N GLU A 189 -12.45 -5.32 -12.46
CA GLU A 189 -13.14 -6.34 -11.68
C GLU A 189 -12.93 -6.17 -10.18
N TYR A 190 -11.85 -5.51 -9.77
CA TYR A 190 -11.56 -5.29 -8.36
C TYR A 190 -12.28 -4.07 -7.80
N LEU A 191 -13.22 -3.52 -8.55
CA LEU A 191 -14.15 -2.52 -8.04
C LEU A 191 -15.52 -3.12 -7.73
N GLU A 192 -15.73 -4.40 -8.06
CA GLU A 192 -17.01 -5.06 -7.80
C GLU A 192 -17.04 -5.59 -6.37
N GLU A 193 -18.20 -5.45 -5.73
CA GLU A 193 -18.32 -5.78 -4.31
C GLU A 193 -18.11 -7.27 -4.07
N ARG A 194 -18.73 -8.12 -4.89
CA ARG A 194 -18.61 -9.57 -4.69
C ARG A 194 -17.19 -10.05 -4.92
N ARG A 195 -16.45 -9.43 -5.84
CA ARG A 195 -15.07 -9.84 -6.09
C ARG A 195 -14.17 -9.49 -4.92
N ILE A 196 -14.32 -8.28 -4.36
CA ILE A 196 -13.51 -7.89 -3.22
C ILE A 196 -13.82 -8.78 -2.01
N LYS A 197 -15.11 -9.08 -1.79
CA LYS A 197 -15.49 -9.96 -0.69
C LYS A 197 -14.85 -11.34 -0.86
N GLU A 198 -14.82 -11.86 -2.09
CA GLU A 198 -14.22 -13.16 -2.34
C GLU A 198 -12.73 -13.14 -2.03
N ILE A 199 -12.04 -12.06 -2.38
CA ILE A 199 -10.60 -11.98 -2.15
C ILE A 199 -10.30 -11.81 -0.67
N VAL A 200 -11.07 -10.96 0.02
CA VAL A 200 -10.85 -10.75 1.45
C VAL A 200 -11.07 -12.05 2.22
N LYS A 201 -12.15 -12.76 1.90
CA LYS A 201 -12.46 -14.01 2.59
C LYS A 201 -11.44 -15.09 2.27
N LYS A 202 -10.78 -15.01 1.11
CA LYS A 202 -9.83 -16.03 0.72
C LYS A 202 -8.46 -15.80 1.34
N HIS A 203 -7.99 -14.55 1.37
CA HIS A 203 -6.61 -14.24 1.73
C HIS A 203 -6.46 -13.48 3.04
N SER A 204 -7.53 -12.93 3.60
CA SER A 204 -7.40 -12.06 4.76
C SER A 204 -8.47 -12.33 5.81
N GLN A 205 -8.91 -13.59 5.93
CA GLN A 205 -10.04 -13.89 6.81
C GLN A 205 -9.70 -13.70 8.28
N PHE A 206 -8.43 -13.87 8.66
CA PHE A 206 -8.02 -13.86 10.06
C PHE A 206 -7.32 -12.58 10.47
N ILE A 207 -7.37 -11.53 9.64
CA ILE A 207 -6.77 -10.25 10.00
C ILE A 207 -7.45 -9.73 11.26
N GLY A 208 -6.64 -9.37 12.26
CA GLY A 208 -7.16 -9.02 13.57
C GLY A 208 -7.65 -7.60 13.71
N TYR A 209 -8.24 -7.04 12.66
CA TYR A 209 -8.80 -5.70 12.69
C TYR A 209 -10.03 -5.70 11.80
N PRO A 210 -11.03 -4.87 12.10
CA PRO A 210 -12.25 -4.84 11.27
C PRO A 210 -11.94 -4.31 9.88
N ILE A 211 -12.39 -5.04 8.87
CA ILE A 211 -12.26 -4.63 7.47
C ILE A 211 -13.66 -4.31 6.96
N THR A 212 -13.91 -3.03 6.70
CA THR A 212 -15.21 -2.57 6.22
C THR A 212 -15.13 -2.29 4.73
N LEU A 213 -16.01 -2.92 3.96
CA LEU A 213 -16.07 -2.74 2.51
C LEU A 213 -17.17 -1.73 2.21
N PHE A 214 -16.77 -0.51 1.85
CA PHE A 214 -17.73 0.56 1.59
C PHE A 214 -18.51 0.27 0.31
N VAL A 215 -19.81 0.53 0.35
CA VAL A 215 -20.69 0.34 -0.79
C VAL A 215 -20.88 1.68 -1.49
N GLU A 216 -20.93 1.65 -2.82
CA GLU A 216 -21.14 2.87 -3.59
C GLU A 216 -22.63 3.20 -3.67
N LYS A 217 -22.91 4.43 -4.06
CA LYS A 217 -24.28 4.95 -4.08
C LYS A 217 -24.78 5.18 -5.51
C10 A1AYH B . 11.44 3.66 -2.90
C13 A1AYH B . 5.84 0.50 2.02
C11 A1AYH B . 12.72 4.26 -2.84
C12 A1AYH B . 12.58 5.40 -2.09
C14 A1AYH B . 6.77 -0.48 2.30
C1 A1AYH B . 7.66 -0.85 1.33
C2 A1AYH B . 7.64 -0.27 0.08
C3 A1AYH B . 6.69 0.69 -0.19
C4 A1AYH B . 5.78 1.09 0.78
C5 A1AYH B . 4.75 2.16 0.46
C6 A1AYH B . 6.94 3.93 0.22
C7 A1AYH B . 7.32 5.21 -0.50
C8 A1AYH B . 9.18 4.33 -1.88
C9 A1AYH B . 10.61 4.45 -2.18
N1 A1AYH B . 8.70 5.20 -0.97
O1 A1AYH B . 8.47 3.48 -2.42
O2 A1AYH B . 11.29 5.52 -1.68
S1 A1AYH B . 5.24 3.86 0.85
CL1 A1AYH B . 8.86 -2.08 1.67
#